data_5BXG
#
_entry.id   5BXG
#
_cell.length_a   69.108
_cell.length_b   69.108
_cell.length_c   87.802
_cell.angle_alpha   90.000
_cell.angle_beta   90.000
_cell.angle_gamma   120.000
#
_symmetry.space_group_name_H-M   'P 61'
#
loop_
_entity.id
_entity.type
_entity.pdbx_description
1 polymer 'uncharacterized beta-sandwich protein'
2 non-polymer 1,2-ETHANEDIOL
3 water water
#
_entity_poly.entity_id   1
_entity_poly.type   'polypeptide(L)'
_entity_poly.pdbx_seq_one_letter_code
;GESPEESSKNNEPKKEEKKDKEVVIGEKIISDK(MSE)EITINNIEFSYDVLPKVKESLYTHYPAESGKVYIDIAADIKN
TQKQELNCSDLLTIEANYNDGYKYSSQTIVEDETTGFTYDNISSIDPLETKGVRFIIDCPDEVKTSDKPVILSFTFDGNK
YVYK(MSE)K
;
_entity_poly.pdbx_strand_id   A
#
loop_
_chem_comp.id
_chem_comp.type
_chem_comp.name
_chem_comp.formula
EDO non-polymer 1,2-ETHANEDIOL 'C2 H6 O2'
#
# COMPACT_ATOMS: atom_id res chain seq x y z
N GLU A 12 15.24 -34.18 -6.35
CA GLU A 12 15.61 -32.80 -6.05
C GLU A 12 14.40 -31.87 -6.32
N PRO A 13 13.94 -31.06 -5.33
CA PRO A 13 12.77 -30.17 -5.57
C PRO A 13 13.06 -29.10 -6.64
N LYS A 14 12.02 -28.61 -7.31
CA LYS A 14 12.13 -27.61 -8.36
C LYS A 14 12.48 -26.24 -7.76
N LYS A 15 13.70 -25.77 -8.03
CA LYS A 15 14.12 -24.46 -7.53
C LYS A 15 13.96 -23.38 -8.56
N GLU A 16 13.89 -22.14 -8.07
CA GLU A 16 13.77 -20.91 -8.87
CA GLU A 16 13.83 -20.95 -8.91
C GLU A 16 14.80 -19.91 -8.33
N GLU A 17 15.37 -19.07 -9.21
CA GLU A 17 16.35 -18.03 -8.85
C GLU A 17 15.68 -16.69 -8.98
N LYS A 18 15.76 -15.88 -7.92
CA LYS A 18 15.07 -14.61 -7.86
C LYS A 18 15.92 -13.52 -7.19
N LYS A 19 15.65 -12.25 -7.50
CA LYS A 19 16.30 -11.10 -6.86
C LYS A 19 15.22 -10.09 -6.48
N ASP A 20 15.13 -9.72 -5.19
CA ASP A 20 14.15 -8.74 -4.72
C ASP A 20 14.63 -7.32 -4.97
N LYS A 21 13.68 -6.42 -5.23
CA LYS A 21 13.96 -5.00 -5.46
C LYS A 21 13.62 -4.21 -4.19
N GLU A 22 14.53 -3.31 -3.82
CA GLU A 22 14.34 -2.46 -2.65
C GLU A 22 13.38 -1.31 -2.97
N VAL A 23 12.35 -1.11 -2.12
CA VAL A 23 11.44 0.03 -2.24
C VAL A 23 12.22 1.28 -1.77
N VAL A 24 12.22 2.35 -2.56
CA VAL A 24 12.87 3.62 -2.21
C VAL A 24 11.77 4.68 -2.18
N ILE A 25 11.58 5.33 -1.02
CA ILE A 25 10.58 6.38 -0.84
C ILE A 25 10.83 7.48 -1.86
N GLY A 26 9.79 7.86 -2.60
CA GLY A 26 9.84 8.91 -3.61
C GLY A 26 10.35 8.50 -4.98
N GLU A 27 10.68 7.22 -5.15
CA GLU A 27 11.19 6.72 -6.44
C GLU A 27 10.09 6.01 -7.20
N LYS A 28 9.91 6.34 -8.48
CA LYS A 28 8.90 5.72 -9.35
C LYS A 28 9.18 4.23 -9.58
N ILE A 29 8.14 3.40 -9.48
CA ILE A 29 8.18 1.98 -9.82
C ILE A 29 7.32 1.87 -11.06
N ILE A 30 7.88 1.39 -12.17
CA ILE A 30 7.19 1.44 -13.44
C ILE A 30 6.95 0.08 -14.08
N SER A 31 5.76 -0.06 -14.67
CA SER A 31 5.34 -1.16 -15.53
C SER A 31 4.74 -0.53 -16.80
N ASP A 32 4.34 -1.36 -17.77
CA ASP A 32 3.70 -0.91 -19.01
C ASP A 32 2.25 -0.43 -18.74
N LYS A 33 1.74 -0.58 -17.49
CA LYS A 33 0.37 -0.20 -17.18
C LYS A 33 0.30 1.01 -16.26
N MSE A 34 1.29 1.17 -15.37
CA MSE A 34 1.23 2.26 -14.38
C MSE A 34 2.59 2.60 -13.78
O MSE A 34 3.57 1.87 -13.95
CB MSE A 34 0.26 1.86 -13.23
CG MSE A 34 0.78 0.74 -12.33
SE MSE A 34 -0.57 0.09 -11.11
CE MSE A 34 -1.41 -1.14 -12.28
N GLU A 35 2.61 3.71 -13.05
CA GLU A 35 3.74 4.19 -12.27
C GLU A 35 3.28 4.33 -10.83
N ILE A 36 4.01 3.72 -9.91
CA ILE A 36 3.69 3.77 -8.47
C ILE A 36 4.81 4.48 -7.75
N THR A 37 4.48 5.51 -6.98
CA THR A 37 5.48 6.20 -6.18
C THR A 37 5.03 6.10 -4.73
N ILE A 38 5.79 5.39 -3.88
CA ILE A 38 5.46 5.33 -2.46
C ILE A 38 6.11 6.55 -1.81
N ASN A 39 5.29 7.43 -1.24
CA ASN A 39 5.71 8.72 -0.65
C ASN A 39 5.89 8.68 0.85
N ASN A 40 5.18 7.75 1.55
CA ASN A 40 5.28 7.72 3.01
C ASN A 40 4.92 6.36 3.55
N ILE A 41 5.68 5.90 4.56
CA ILE A 41 5.43 4.62 5.22
C ILE A 41 5.53 4.87 6.70
N GLU A 42 4.42 4.72 7.44
CA GLU A 42 4.44 5.00 8.89
C GLU A 42 3.41 4.21 9.69
N PHE A 43 3.65 4.09 10.98
CA PHE A 43 2.64 3.54 11.88
C PHE A 43 1.64 4.64 12.17
N SER A 44 0.36 4.29 12.36
CA SER A 44 -0.67 5.28 12.61
C SER A 44 -1.83 4.71 13.38
N TYR A 45 -2.34 5.50 14.33
CA TYR A 45 -3.54 5.13 15.07
C TYR A 45 -4.80 5.74 14.46
N ASP A 46 -4.62 6.53 13.41
CA ASP A 46 -5.73 7.19 12.71
C ASP A 46 -5.31 7.60 11.29
N VAL A 47 -5.77 6.86 10.30
CA VAL A 47 -5.44 7.12 8.89
C VAL A 47 -6.36 8.23 8.40
N LEU A 48 -5.78 9.41 8.20
CA LEU A 48 -6.51 10.61 7.80
C LEU A 48 -6.29 10.95 6.35
N PRO A 49 -7.35 11.38 5.66
CA PRO A 49 -7.21 11.74 4.25
C PRO A 49 -6.37 13.00 4.08
N LYS A 50 -5.75 13.17 2.92
CA LYS A 50 -4.95 14.36 2.63
C LYS A 50 -5.81 15.63 2.60
N VAL A 51 -7.03 15.54 2.04
CA VAL A 51 -7.96 16.66 1.92
C VAL A 51 -9.18 16.38 2.80
N LYS A 52 -9.49 17.28 3.76
CA LYS A 52 -10.59 17.09 4.71
C LYS A 52 -11.23 18.44 5.01
N GLU A 53 -11.79 19.07 3.97
CA GLU A 53 -12.42 20.40 3.98
C GLU A 53 -13.77 20.43 4.75
N SER A 54 -14.60 19.37 4.66
CA SER A 54 -15.90 19.33 5.33
C SER A 54 -16.08 17.97 6.02
N LEU A 55 -17.16 17.24 5.72
CA LEU A 55 -17.32 15.91 6.29
C LEU A 55 -16.33 14.98 5.57
N TYR A 56 -15.54 14.22 6.34
CA TYR A 56 -14.57 13.32 5.71
C TYR A 56 -14.61 11.98 6.37
N THR A 57 -14.18 10.97 5.60
CA THR A 57 -14.01 9.62 6.07
C THR A 57 -12.58 9.48 6.60
N HIS A 58 -12.39 8.72 7.68
CA HIS A 58 -11.06 8.40 8.19
C HIS A 58 -11.10 7.00 8.80
N TYR A 59 -9.93 6.42 9.09
CA TYR A 59 -9.85 5.06 9.60
C TYR A 59 -9.11 5.02 10.93
N PRO A 60 -9.83 5.15 12.07
CA PRO A 60 -9.15 5.10 13.36
C PRO A 60 -8.85 3.65 13.73
N ALA A 61 -7.69 3.41 14.34
CA ALA A 61 -7.33 2.07 14.77
C ALA A 61 -8.16 1.67 15.99
N GLU A 62 -8.65 0.43 16.03
CA GLU A 62 -9.37 -0.14 17.17
C GLU A 62 -8.37 -0.28 18.34
N SER A 63 -8.85 -0.26 19.57
CA SER A 63 -8.05 -0.38 20.79
C SER A 63 -7.12 -1.62 20.70
N GLY A 64 -5.84 -1.43 21.03
CA GLY A 64 -4.83 -2.48 20.96
C GLY A 64 -4.32 -2.78 19.56
N LYS A 65 -4.82 -2.04 18.52
CA LYS A 65 -4.39 -2.21 17.14
C LYS A 65 -3.63 -0.97 16.65
N VAL A 66 -2.90 -1.13 15.55
CA VAL A 66 -2.17 -0.05 14.89
C VAL A 66 -2.23 -0.31 13.38
N TYR A 67 -2.24 0.76 12.60
CA TYR A 67 -2.14 0.65 11.16
C TYR A 67 -0.73 0.91 10.72
N ILE A 68 -0.32 0.18 9.68
CA ILE A 68 0.80 0.49 8.82
C ILE A 68 0.14 1.26 7.68
N ASP A 69 0.52 2.53 7.51
CA ASP A 69 -0.07 3.39 6.50
C ASP A 69 0.95 3.68 5.40
N ILE A 70 0.72 3.15 4.21
CA ILE A 70 1.60 3.32 3.07
C ILE A 70 0.88 4.25 2.08
N ALA A 71 1.40 5.46 1.92
CA ALA A 71 0.79 6.47 1.04
C ALA A 71 1.50 6.46 -0.31
N ALA A 72 0.72 6.36 -1.39
CA ALA A 72 1.32 6.29 -2.72
C ALA A 72 0.52 7.08 -3.77
N ASP A 73 1.21 7.46 -4.85
CA ASP A 73 0.63 8.08 -6.04
C ASP A 73 0.66 7.05 -7.12
N ILE A 74 -0.47 6.88 -7.80
CA ILE A 74 -0.61 5.91 -8.89
C ILE A 74 -0.94 6.68 -10.16
N LYS A 75 -0.07 6.58 -11.16
CA LYS A 75 -0.32 7.19 -12.47
C LYS A 75 -0.69 6.08 -13.44
N ASN A 76 -1.89 6.16 -14.03
CA ASN A 76 -2.34 5.22 -15.06
C ASN A 76 -1.70 5.64 -16.37
N THR A 77 -0.87 4.78 -16.98
CA THR A 77 -0.21 5.18 -18.23
C THR A 77 -0.85 4.51 -19.45
N GLN A 78 -1.95 3.76 -19.24
CA GLN A 78 -2.66 3.07 -20.33
C GLN A 78 -3.67 3.99 -21.03
N LYS A 79 -4.20 3.55 -22.18
CA LYS A 79 -5.25 4.27 -22.92
C LYS A 79 -6.64 3.88 -22.35
N GLN A 80 -6.68 2.91 -21.43
CA GLN A 80 -7.93 2.52 -20.79
C GLN A 80 -7.86 2.86 -19.30
N GLU A 81 -9.04 3.04 -18.68
CA GLU A 81 -9.24 3.30 -17.26
C GLU A 81 -8.61 2.21 -16.40
N LEU A 82 -8.04 2.58 -15.27
CA LEU A 82 -7.44 1.65 -14.33
C LEU A 82 -8.27 1.58 -13.06
N ASN A 83 -8.84 0.39 -12.74
CA ASN A 83 -9.63 0.21 -11.52
CA ASN A 83 -9.64 0.21 -11.52
C ASN A 83 -8.71 0.24 -10.30
N CYS A 84 -9.13 0.91 -9.23
CA CYS A 84 -8.31 1.00 -8.02
C CYS A 84 -8.27 -0.33 -7.25
N SER A 85 -9.10 -1.32 -7.64
CA SER A 85 -9.11 -2.64 -7.03
CA SER A 85 -9.10 -2.65 -7.03
C SER A 85 -7.95 -3.47 -7.60
N ASP A 86 -7.37 -3.02 -8.75
CA ASP A 86 -6.26 -3.69 -9.45
C ASP A 86 -4.87 -3.16 -9.02
N LEU A 87 -4.76 -2.63 -7.80
CA LEU A 87 -3.48 -2.11 -7.35
C LEU A 87 -2.81 -3.14 -6.42
N LEU A 88 -1.74 -2.75 -5.73
CA LEU A 88 -0.95 -3.67 -4.89
C LEU A 88 -1.70 -4.25 -3.70
N THR A 89 -1.28 -5.45 -3.27
CA THR A 89 -1.61 -6.05 -2.00
C THR A 89 -0.27 -6.08 -1.28
N ILE A 90 -0.11 -5.29 -0.21
CA ILE A 90 1.16 -5.26 0.52
C ILE A 90 1.04 -6.12 1.77
N GLU A 91 2.04 -6.99 1.96
CA GLU A 91 2.11 -7.84 3.13
C GLU A 91 3.13 -7.30 4.12
N ALA A 92 2.74 -7.22 5.41
CA ALA A 92 3.69 -6.89 6.46
C ALA A 92 4.08 -8.21 7.12
N ASN A 93 5.36 -8.57 7.05
CA ASN A 93 5.88 -9.77 7.68
C ASN A 93 6.60 -9.35 8.98
N TYR A 94 5.91 -9.54 10.12
CA TYR A 94 6.41 -9.17 11.41
C TYR A 94 7.11 -10.32 12.13
N ASN A 95 8.32 -10.06 12.66
CA ASN A 95 9.08 -11.01 13.50
C ASN A 95 9.14 -12.43 12.89
N ASP A 96 9.56 -12.50 11.63
CA ASP A 96 9.75 -13.73 10.87
C ASP A 96 8.50 -14.68 10.85
N GLY A 97 7.42 -14.25 10.20
CA GLY A 97 6.27 -15.12 9.99
C GLY A 97 4.90 -14.69 10.46
N TYR A 98 4.77 -13.57 11.19
CA TYR A 98 3.44 -13.08 11.62
C TYR A 98 3.02 -12.09 10.55
N LYS A 99 2.10 -12.51 9.68
CA LYS A 99 1.78 -11.75 8.47
C LYS A 99 0.41 -11.11 8.46
N TYR A 100 0.37 -9.86 7.95
CA TYR A 100 -0.83 -9.01 7.86
C TYR A 100 -0.83 -8.40 6.45
N SER A 101 -1.99 -8.35 5.79
N SER A 101 -1.98 -8.37 5.78
N SER A 101 -2.00 -8.33 5.83
CA SER A 101 -2.07 -7.82 4.43
CA SER A 101 -2.07 -7.84 4.42
CA SER A 101 -2.14 -7.85 4.46
C SER A 101 -2.92 -6.56 4.36
C SER A 101 -2.92 -6.57 4.34
C SER A 101 -2.94 -6.56 4.37
N SER A 102 -2.60 -5.70 3.39
CA SER A 102 -3.25 -4.40 3.19
C SER A 102 -4.61 -4.43 2.52
N GLN A 103 -5.26 -3.29 2.70
CA GLN A 103 -6.52 -2.92 2.05
CA GLN A 103 -6.51 -2.94 2.03
C GLN A 103 -6.26 -1.59 1.37
N THR A 104 -6.85 -1.36 0.21
CA THR A 104 -6.62 -0.10 -0.51
C THR A 104 -7.76 0.87 -0.28
N ILE A 105 -7.41 2.13 0.01
CA ILE A 105 -8.38 3.21 0.13
C ILE A 105 -7.87 4.29 -0.82
N VAL A 106 -8.78 5.12 -1.34
CA VAL A 106 -8.44 6.10 -2.37
C VAL A 106 -8.70 7.52 -1.87
N GLU A 107 -7.73 8.41 -2.08
CA GLU A 107 -7.85 9.83 -1.73
C GLU A 107 -9.00 10.45 -2.53
N ASP A 108 -9.83 11.27 -1.88
CA ASP A 108 -10.95 11.92 -2.52
C ASP A 108 -11.00 13.38 -2.12
N GLU A 109 -11.12 14.29 -3.10
CA GLU A 109 -11.14 15.73 -2.80
C GLU A 109 -12.41 16.18 -2.05
N THR A 110 -13.49 15.37 -2.09
CA THR A 110 -14.77 15.76 -1.47
C THR A 110 -15.03 15.02 -0.15
N THR A 111 -14.84 13.70 -0.12
CA THR A 111 -15.20 12.90 1.05
C THR A 111 -13.99 12.40 1.84
N GLY A 112 -12.80 12.88 1.52
CA GLY A 112 -11.57 12.48 2.19
C GLY A 112 -11.00 11.22 1.56
N PHE A 113 -11.73 10.12 1.70
CA PHE A 113 -11.46 8.83 1.08
C PHE A 113 -12.69 8.22 0.47
N THR A 114 -12.48 7.20 -0.39
CA THR A 114 -13.46 6.26 -0.95
C THR A 114 -12.83 4.85 -0.89
N TYR A 115 -13.63 3.80 -1.08
CA TYR A 115 -13.04 2.46 -1.09
C TYR A 115 -12.50 2.20 -2.54
N ASP A 116 -11.62 1.20 -2.71
CA ASP A 116 -10.97 0.90 -3.98
C ASP A 116 -11.91 0.34 -5.08
N ASN A 117 -13.04 -0.29 -4.67
CA ASN A 117 -13.97 -0.98 -5.59
C ASN A 117 -14.85 -0.07 -6.46
N ILE A 118 -15.13 1.17 -6.03
CA ILE A 118 -16.00 2.07 -6.79
C ILE A 118 -15.21 3.17 -7.55
N SER A 119 -13.86 3.12 -7.50
CA SER A 119 -13.04 4.19 -8.10
C SER A 119 -12.06 3.70 -9.17
N SER A 120 -11.87 4.53 -10.21
CA SER A 120 -10.95 4.26 -11.31
C SER A 120 -10.11 5.50 -11.66
N ILE A 121 -8.96 5.26 -12.29
CA ILE A 121 -8.00 6.28 -12.69
C ILE A 121 -8.06 6.42 -14.20
N ASP A 122 -8.35 7.64 -14.69
CA ASP A 122 -8.40 7.92 -16.10
C ASP A 122 -7.05 7.72 -16.77
N PRO A 123 -7.01 7.47 -18.10
CA PRO A 123 -5.71 7.44 -18.79
C PRO A 123 -4.91 8.72 -18.49
N LEU A 124 -3.65 8.55 -18.07
CA LEU A 124 -2.63 9.59 -17.78
C LEU A 124 -2.91 10.41 -16.50
N GLU A 125 -3.93 10.01 -15.74
CA GLU A 125 -4.26 10.66 -14.47
C GLU A 125 -3.42 10.05 -13.33
N THR A 126 -3.05 10.87 -12.33
CA THR A 126 -2.37 10.41 -11.12
C THR A 126 -3.36 10.55 -9.95
N LYS A 127 -3.52 9.50 -9.17
CA LYS A 127 -4.41 9.47 -8.02
C LYS A 127 -3.65 9.00 -6.79
N GLY A 128 -3.94 9.62 -5.66
CA GLY A 128 -3.35 9.23 -4.39
C GLY A 128 -4.14 8.08 -3.80
N VAL A 129 -3.44 7.11 -3.22
CA VAL A 129 -4.04 5.95 -2.55
C VAL A 129 -3.32 5.71 -1.22
N ARG A 130 -3.92 4.87 -0.38
CA ARG A 130 -3.32 4.42 0.87
C ARG A 130 -3.47 2.92 0.95
N PHE A 131 -2.38 2.22 1.25
CA PHE A 131 -2.43 0.78 1.49
C PHE A 131 -2.31 0.66 2.99
N ILE A 132 -3.37 0.21 3.66
CA ILE A 132 -3.38 0.22 5.12
C ILE A 132 -3.45 -1.22 5.65
N ILE A 133 -2.62 -1.50 6.64
CA ILE A 133 -2.48 -2.84 7.24
C ILE A 133 -2.82 -2.80 8.72
N ASP A 134 -3.85 -3.55 9.11
CA ASP A 134 -4.31 -3.61 10.49
C ASP A 134 -3.48 -4.63 11.27
N CYS A 135 -2.68 -4.17 12.25
CA CYS A 135 -1.77 -5.01 13.03
C CYS A 135 -2.07 -4.93 14.51
N PRO A 136 -1.67 -5.95 15.31
CA PRO A 136 -1.66 -5.75 16.78
C PRO A 136 -0.61 -4.67 17.10
N ASP A 137 -0.84 -3.90 18.17
CA ASP A 137 0.02 -2.78 18.55
C ASP A 137 1.52 -3.13 18.70
N GLU A 138 1.88 -4.38 19.12
CA GLU A 138 3.30 -4.74 19.32
C GLU A 138 4.14 -4.63 18.01
N VAL A 139 3.48 -4.71 16.84
CA VAL A 139 4.17 -4.58 15.55
C VAL A 139 4.85 -3.19 15.53
N LYS A 140 4.21 -2.18 16.11
CA LYS A 140 4.79 -0.85 16.21
C LYS A 140 5.79 -0.74 17.40
N THR A 141 5.34 -1.12 18.59
CA THR A 141 6.05 -0.85 19.84
C THR A 141 7.21 -1.79 20.16
N SER A 142 7.27 -3.02 19.60
CA SER A 142 8.41 -3.90 19.91
C SER A 142 9.67 -3.48 19.12
N ASP A 143 10.78 -4.17 19.36
CA ASP A 143 12.03 -3.96 18.63
C ASP A 143 12.15 -4.99 17.51
N LYS A 144 11.09 -5.82 17.31
CA LYS A 144 11.11 -6.93 16.36
C LYS A 144 10.89 -6.44 14.92
N PRO A 145 11.50 -7.12 13.92
CA PRO A 145 11.47 -6.58 12.55
C PRO A 145 10.12 -6.62 11.84
N VAL A 146 9.98 -5.68 10.90
CA VAL A 146 8.81 -5.56 10.02
C VAL A 146 9.31 -5.43 8.60
N ILE A 147 9.03 -6.42 7.77
CA ILE A 147 9.40 -6.37 6.38
C ILE A 147 8.13 -6.25 5.54
N LEU A 148 8.03 -5.19 4.76
CA LEU A 148 6.90 -5.03 3.84
C LEU A 148 7.29 -5.62 2.49
N SER A 149 6.35 -6.28 1.79
CA SER A 149 6.66 -6.75 0.44
C SER A 149 5.40 -6.76 -0.42
N PHE A 150 5.60 -6.80 -1.74
CA PHE A 150 4.53 -6.92 -2.73
C PHE A 150 5.13 -7.39 -4.03
N THR A 151 4.30 -8.03 -4.86
CA THR A 151 4.68 -8.44 -6.22
C THR A 151 4.02 -7.45 -7.16
N PHE A 152 4.83 -6.86 -8.05
CA PHE A 152 4.35 -5.89 -9.04
C PHE A 152 5.05 -6.16 -10.34
N ASP A 153 4.26 -6.43 -11.38
CA ASP A 153 4.70 -6.69 -12.75
C ASP A 153 5.90 -7.67 -12.81
N GLY A 154 5.72 -8.82 -12.18
CA GLY A 154 6.71 -9.91 -12.17
C GLY A 154 7.93 -9.76 -11.27
N ASN A 155 7.96 -8.76 -10.38
CA ASN A 155 9.08 -8.58 -9.47
C ASN A 155 8.61 -8.40 -8.04
N LYS A 156 9.40 -8.90 -7.08
CA LYS A 156 9.11 -8.76 -5.66
C LYS A 156 9.84 -7.51 -5.16
N TYR A 157 9.10 -6.64 -4.47
CA TYR A 157 9.55 -5.40 -3.87
C TYR A 157 9.53 -5.56 -2.37
N VAL A 158 10.61 -5.11 -1.71
CA VAL A 158 10.76 -5.27 -0.26
CA VAL A 158 10.77 -5.28 -0.26
C VAL A 158 11.12 -3.94 0.41
N TYR A 159 10.62 -3.73 1.64
CA TYR A 159 10.92 -2.55 2.42
C TYR A 159 11.12 -2.94 3.89
N LYS A 160 12.30 -2.67 4.46
CA LYS A 160 12.54 -3.00 5.85
C LYS A 160 12.07 -1.83 6.69
N MSE A 161 10.89 -1.97 7.30
CA MSE A 161 10.28 -0.90 8.07
C MSE A 161 10.97 -0.74 9.42
O MSE A 161 11.11 0.38 9.92
CB MSE A 161 8.78 -1.18 8.23
CG MSE A 161 8.05 0.02 8.67
SE MSE A 161 6.16 -0.37 8.71
CE MSE A 161 5.65 1.44 9.35
N LYS A 162 11.39 -1.86 10.01
CA LYS A 162 12.16 -1.88 11.25
C LYS A 162 12.72 -3.26 11.49
C1 EDO B . -0.36 2.14 -23.62
O1 EDO B . -0.26 3.51 -23.29
C2 EDO B . -1.74 1.80 -24.27
O2 EDO B . -2.71 1.43 -23.29
C1 EDO C . -3.48 1.04 20.51
O1 EDO C . -4.62 1.13 19.67
C2 EDO C . -3.81 1.65 21.90
O2 EDO C . -4.89 0.94 22.48
C1 EDO D . 0.03 10.58 4.37
O1 EDO D . 1.10 11.38 3.90
C2 EDO D . 0.09 10.50 5.92
O2 EDO D . -0.25 11.76 6.49
#